data_1JL4
#
_entry.id   1JL4
#
_cell.length_a   145.195
_cell.length_b   145.195
_cell.length_c   103.846
_cell.angle_alpha   90.00
_cell.angle_beta   90.00
_cell.angle_gamma   90.00
#
_symmetry.space_group_name_H-M   'P 43 2 2'
#
loop_
_entity.id
_entity.type
_entity.pdbx_description
1 polymer 'H-2 CLASS II HISTOCOMPATIBILITY ANTIGEN, A-K ALPHA CHAIN'
2 polymer 'H-2 CLASS II HISTOCOMPATIBILITY ANTIGEN, A-K BETA CHAIN'
3 polymer OVOTRANSFERRIN
4 polymer 'T-CELL SURFACE GLYCOPROTEIN CD4'
#
loop_
_entity_poly.entity_id
_entity_poly.type
_entity_poly.pdbx_seq_one_letter_code
_entity_poly.pdbx_strand_id
1 'polypeptide(L)'
;HVGSYGITVYQSPGDIGQYTFEFDGDELFYVDLDKKETVWMLPEFAQLRRFEPQGGLQNIATGKHNLEILTKRSNSTPAT
NEAPQATVFPKSPVLLGQPNTLICFVDNIFPPVINITWLRNSKSVTDGVYETSFFVNRDYSFHKLSYLTFIPSDDDIYDC
KVEHWGLEEPVLKHWEPE
;
A
2 'polypeptide(L)'
;GSFVHQFQPFCYFTNGTQRIRLVIRYIYNREEYVRFDSDVGEYRAVTELGRPDAEYWNKQYLERTRAELDTVCRHNYEKT
ETPTSLRRLEQPSVVISLSRTEALNHHNTLVCSVTDFYPAKIKVRWFRNGQEETVGVSSTQLIRNGDWTFQVLVMLEMTP
RRGEVYTCHVEHPSLTSPITVEWRA
;
B
3 'polypeptide(L)' GNSHRGAIEWEGIESG C
4 'polypeptide(L)'
;KKVVLGKKGDTVELTCTASQKKSIQFHWKNSNQIKILGNQGSFLTKGPSKLNDRADSRRSLWDQGNFPLIIKNLKIEDSD
TYICEVEDQKEEVQLLVFGLTANSDTHLLQGQSLTLTLESPPGSSPSVQCRSPRGKNIQGGKTLSVSQLELQDSGTWTCT
VLQNQKKVEFKIDIVVLA
;
D
#
# COMPACT_ATOMS: atom_id res chain seq x y z
N HIS A 1 -6.10 15.42 -3.42
CA HIS A 1 -6.85 15.04 -2.22
C HIS A 1 -7.90 13.97 -2.53
N VAL A 2 -8.42 13.33 -1.49
CA VAL A 2 -9.43 12.30 -1.62
C VAL A 2 -10.33 12.26 -0.40
N GLY A 3 -11.62 12.53 -0.60
CA GLY A 3 -12.57 12.50 0.51
C GLY A 3 -13.53 11.32 0.32
N SER A 4 -13.75 10.51 1.35
CA SER A 4 -14.66 9.36 1.27
C SER A 4 -15.75 9.71 2.23
N TYR A 5 -16.78 10.33 1.71
CA TYR A 5 -17.87 10.79 2.53
C TYR A 5 -18.98 9.77 2.68
N GLY A 6 -18.89 8.72 3.59
CA GLY A 6 -19.92 7.73 3.86
C GLY A 6 -19.56 6.28 3.62
N ILE A 7 -18.29 6.04 4.07
CA ILE A 7 -17.90 4.63 3.91
C ILE A 7 -18.90 3.90 4.81
N THR A 8 -19.58 2.90 4.25
CA THR A 8 -20.59 2.15 4.99
C THR A 8 -20.34 0.65 4.89
N VAL A 9 -20.09 0.03 6.03
CA VAL A 9 -19.81 -1.40 6.08
C VAL A 9 -20.81 -2.10 7.01
N TYR A 10 -21.38 -3.21 6.55
CA TYR A 10 -22.32 -3.97 7.37
C TYR A 10 -21.92 -5.42 7.28
N GLN A 11 -22.11 -6.12 8.40
CA GLN A 11 -21.74 -7.51 8.50
C GLN A 11 -22.72 -8.35 9.30
N SER A 12 -22.93 -9.58 8.83
CA SER A 12 -23.81 -10.51 9.52
C SER A 12 -23.16 -11.88 9.58
N PRO A 13 -23.47 -12.65 10.63
CA PRO A 13 -24.40 -12.28 11.70
C PRO A 13 -23.80 -11.29 12.67
N GLY A 14 -24.61 -10.87 13.63
CA GLY A 14 -24.14 -9.94 14.64
C GLY A 14 -24.62 -8.53 14.47
N ASP A 15 -25.08 -8.18 13.26
CA ASP A 15 -25.54 -6.82 12.96
C ASP A 15 -24.45 -5.80 13.31
N ILE A 16 -23.28 -5.99 12.70
CA ILE A 16 -22.12 -5.15 12.92
C ILE A 16 -22.02 -4.14 11.78
N GLY A 17 -22.09 -2.85 12.11
CA GLY A 17 -22.00 -1.85 11.07
C GLY A 17 -21.08 -0.70 11.45
N GLN A 18 -20.51 -0.04 10.44
CA GLN A 18 -19.62 1.10 10.66
C GLN A 18 -19.83 2.13 9.56
N TYR A 19 -19.91 3.40 9.95
CA TYR A 19 -20.08 4.52 9.03
C TYR A 19 -19.05 5.61 9.36
N THR A 20 -18.17 5.87 8.41
CA THR A 20 -17.14 6.87 8.61
C THR A 20 -16.93 7.81 7.41
N PHE A 21 -16.20 8.89 7.67
CA PHE A 21 -15.79 9.87 6.67
C PHE A 21 -14.25 9.88 6.78
N GLU A 22 -13.56 9.75 5.65
CA GLU A 22 -12.09 9.80 5.66
C GLU A 22 -11.65 10.93 4.72
N PHE A 23 -10.60 11.66 5.08
CA PHE A 23 -10.07 12.69 4.19
C PHE A 23 -8.57 12.50 4.09
N ASP A 24 -8.10 12.30 2.88
CA ASP A 24 -6.69 12.06 2.62
C ASP A 24 -6.14 10.92 3.46
N GLY A 25 -6.96 9.89 3.65
CA GLY A 25 -6.55 8.73 4.40
C GLY A 25 -6.72 8.77 5.90
N ASP A 26 -7.16 9.90 6.43
CA ASP A 26 -7.34 10.00 7.86
C ASP A 26 -8.79 10.01 8.23
N GLU A 27 -9.07 9.58 9.45
CA GLU A 27 -10.43 9.51 9.93
C GLU A 27 -11.04 10.80 10.42
N LEU A 28 -12.03 11.30 9.68
CA LEU A 28 -12.72 12.52 10.07
C LEU A 28 -13.64 12.21 11.25
N PHE A 29 -14.43 11.15 11.13
CA PHE A 29 -15.32 10.75 12.20
C PHE A 29 -15.95 9.40 11.93
N TYR A 30 -16.70 8.91 12.89
CA TYR A 30 -17.45 7.68 12.68
C TYR A 30 -18.72 8.04 13.41
N VAL A 31 -19.83 7.41 13.00
CA VAL A 31 -21.09 7.68 13.66
C VAL A 31 -21.35 6.53 14.61
N ASP A 32 -21.54 6.85 15.88
CA ASP A 32 -21.84 5.84 16.89
C ASP A 32 -23.30 5.43 16.63
N LEU A 33 -23.48 4.25 16.06
CA LEU A 33 -24.80 3.75 15.71
C LEU A 33 -25.71 3.55 16.90
N ASP A 34 -25.12 3.24 18.04
CA ASP A 34 -25.89 3.02 19.25
C ASP A 34 -26.27 4.31 19.94
N LYS A 35 -25.29 5.18 20.18
CA LYS A 35 -25.56 6.47 20.83
C LYS A 35 -26.15 7.48 19.84
N LYS A 36 -25.98 7.21 18.54
CA LYS A 36 -26.48 8.07 17.48
C LYS A 36 -25.85 9.47 17.54
N GLU A 37 -24.52 9.50 17.42
CA GLU A 37 -23.75 10.73 17.46
C GLU A 37 -22.58 10.63 16.48
N THR A 38 -22.08 11.79 16.04
CA THR A 38 -20.96 11.86 15.14
C THR A 38 -19.75 12.06 16.04
N VAL A 39 -18.81 11.11 16.01
CA VAL A 39 -17.62 11.21 16.86
C VAL A 39 -16.40 11.58 16.04
N TRP A 40 -15.97 12.84 16.21
CA TRP A 40 -14.83 13.40 15.48
C TRP A 40 -13.50 13.07 16.14
N MET A 41 -12.53 12.62 15.34
CA MET A 41 -11.23 12.29 15.90
C MET A 41 -10.57 13.55 16.44
N LEU A 42 -10.62 14.65 15.68
CA LEU A 42 -10.07 15.95 16.11
C LEU A 42 -11.30 16.73 16.56
N PRO A 43 -11.56 16.77 17.87
CA PRO A 43 -12.71 17.47 18.44
C PRO A 43 -12.92 18.92 17.98
N GLU A 44 -11.84 19.60 17.62
CA GLU A 44 -11.93 20.99 17.18
C GLU A 44 -12.68 21.11 15.85
N PHE A 45 -12.55 20.10 15.00
CA PHE A 45 -13.24 20.07 13.71
C PHE A 45 -14.77 20.16 13.88
N ALA A 46 -15.30 19.56 14.94
CA ALA A 46 -16.74 19.58 15.19
C ALA A 46 -17.24 20.99 15.48
N GLN A 47 -16.31 21.94 15.58
CA GLN A 47 -16.66 23.33 15.83
C GLN A 47 -16.79 24.13 14.54
N LEU A 48 -16.17 23.63 13.48
CA LEU A 48 -16.15 24.29 12.17
C LEU A 48 -16.99 23.59 11.12
N ARG A 49 -17.39 22.34 11.37
CA ARG A 49 -18.20 21.59 10.43
C ARG A 49 -19.06 20.60 11.21
N ARG A 50 -20.16 20.13 10.63
CA ARG A 50 -21.04 19.19 11.30
C ARG A 50 -21.69 18.21 10.36
N PHE A 51 -22.02 17.04 10.88
CA PHE A 51 -22.68 16.00 10.09
C PHE A 51 -23.82 15.45 10.93
N GLU A 52 -24.99 15.34 10.32
CA GLU A 52 -26.18 14.82 10.99
C GLU A 52 -26.07 13.31 10.97
N PRO A 53 -25.93 12.67 12.14
CA PRO A 53 -25.81 11.22 12.26
C PRO A 53 -26.85 10.38 11.53
N GLN A 54 -28.07 10.92 11.39
CA GLN A 54 -29.16 10.21 10.71
C GLN A 54 -28.70 9.71 9.36
N GLY A 55 -27.91 10.53 8.67
CA GLY A 55 -27.40 10.16 7.36
C GLY A 55 -26.60 8.89 7.51
N GLY A 56 -25.91 8.79 8.65
CA GLY A 56 -25.11 7.62 8.94
C GLY A 56 -26.02 6.43 9.17
N LEU A 57 -26.99 6.58 10.06
CA LEU A 57 -27.93 5.51 10.37
C LEU A 57 -28.61 4.99 9.11
N GLN A 58 -29.14 5.93 8.33
CA GLN A 58 -29.83 5.60 7.10
C GLN A 58 -29.00 4.79 6.14
N ASN A 59 -27.76 5.22 5.93
CA ASN A 59 -26.87 4.51 5.02
C ASN A 59 -26.56 3.11 5.53
N ILE A 60 -26.50 2.94 6.84
CA ILE A 60 -26.25 1.64 7.44
C ILE A 60 -27.48 0.74 7.20
N ALA A 61 -28.67 1.26 7.49
CA ALA A 61 -29.91 0.51 7.27
C ALA A 61 -29.94 -0.03 5.84
N THR A 62 -29.44 0.76 4.89
CA THR A 62 -29.40 0.35 3.49
C THR A 62 -28.31 -0.68 3.29
N GLY A 63 -27.23 -0.55 4.05
CA GLY A 63 -26.14 -1.49 3.93
C GLY A 63 -26.66 -2.85 4.32
N LYS A 64 -27.39 -2.88 5.43
CA LYS A 64 -28.00 -4.10 5.97
C LYS A 64 -28.87 -4.72 4.87
N HIS A 65 -29.79 -3.90 4.35
CA HIS A 65 -30.70 -4.31 3.28
C HIS A 65 -29.97 -4.92 2.08
N ASN A 66 -28.92 -4.26 1.60
CA ASN A 66 -28.17 -4.78 0.45
C ASN A 66 -27.35 -6.04 0.78
N LEU A 67 -27.10 -6.27 2.07
CA LEU A 67 -26.32 -7.44 2.48
C LEU A 67 -27.16 -8.69 2.29
N GLU A 68 -28.43 -8.66 2.72
CA GLU A 68 -29.32 -9.82 2.55
C GLU A 68 -29.44 -10.14 1.08
N ILE A 69 -29.79 -9.12 0.30
CA ILE A 69 -29.96 -9.25 -1.13
C ILE A 69 -28.69 -9.81 -1.79
N LEU A 70 -27.53 -9.31 -1.39
CA LEU A 70 -26.29 -9.82 -1.98
C LEU A 70 -25.88 -11.20 -1.47
N THR A 71 -26.20 -11.49 -0.22
CA THR A 71 -25.87 -12.80 0.36
C THR A 71 -26.65 -13.84 -0.45
N LYS A 72 -27.92 -13.58 -0.66
CA LYS A 72 -28.77 -14.48 -1.44
C LYS A 72 -28.22 -14.60 -2.87
N ARG A 73 -27.82 -13.48 -3.46
CA ARG A 73 -27.29 -13.47 -4.82
C ARG A 73 -26.06 -14.35 -5.04
N SER A 74 -25.22 -14.47 -4.04
CA SER A 74 -23.99 -15.28 -4.16
C SER A 74 -24.24 -16.73 -3.76
N ASN A 75 -25.46 -16.99 -3.27
CA ASN A 75 -25.86 -18.31 -2.80
C ASN A 75 -25.10 -18.51 -1.50
N SER A 76 -25.26 -17.52 -0.62
CA SER A 76 -24.63 -17.48 0.70
C SER A 76 -23.14 -17.80 0.80
N THR A 77 -22.32 -17.14 -0.02
CA THR A 77 -20.87 -17.31 0.02
C THR A 77 -20.35 -16.51 1.23
N PRO A 78 -19.79 -17.44 2.21
CA PRO A 78 -19.27 -16.75 3.40
C PRO A 78 -17.96 -16.01 3.13
N ALA A 79 -17.67 -15.05 4.00
CA ALA A 79 -16.43 -14.27 3.90
C ALA A 79 -15.25 -15.16 4.29
N THR A 80 -14.15 -15.06 3.55
CA THR A 80 -12.93 -15.82 3.86
C THR A 80 -12.19 -15.06 4.98
N ASN A 81 -11.72 -15.77 6.00
CA ASN A 81 -10.97 -15.13 7.08
C ASN A 81 -9.53 -14.93 6.64
N GLU A 82 -9.00 -13.74 6.85
CA GLU A 82 -7.62 -13.43 6.51
C GLU A 82 -6.83 -13.39 7.82
N ALA A 83 -5.51 -13.45 7.70
CA ALA A 83 -4.62 -13.38 8.86
C ALA A 83 -4.11 -11.93 8.99
N PRO A 84 -4.56 -11.21 10.03
CA PRO A 84 -4.14 -9.82 10.26
C PRO A 84 -2.65 -9.80 10.57
N GLN A 85 -1.96 -8.74 10.15
CA GLN A 85 -0.52 -8.59 10.40
C GLN A 85 -0.32 -7.28 11.16
N ALA A 86 0.27 -7.37 12.35
CA ALA A 86 0.50 -6.20 13.18
C ALA A 86 1.94 -5.70 13.17
N THR A 87 2.17 -4.16 13.34
CA THR A 87 3.45 -3.47 13.41
C THR A 87 3.33 -2.47 14.55
N VAL A 88 4.33 -2.44 15.42
CA VAL A 88 4.33 -1.52 16.56
C VAL A 88 5.43 -0.50 16.39
N PHE A 89 5.10 0.75 16.64
CA PHE A 89 6.08 1.83 16.53
C PHE A 89 5.62 2.98 17.41
N PRO A 90 6.58 3.75 17.94
CA PRO A 90 6.27 4.89 18.81
C PRO A 90 5.83 6.12 18.03
N LYS A 91 4.97 6.93 18.62
CA LYS A 91 4.49 8.15 17.97
C LYS A 91 5.65 9.16 17.90
N SER A 92 6.29 9.36 19.06
CA SER A 92 7.42 10.29 19.17
C SER A 92 8.73 9.57 19.42
N PRO A 93 9.86 10.29 19.32
CA PRO A 93 11.17 9.67 19.54
C PRO A 93 11.21 9.20 20.99
N VAL A 94 11.74 8.00 21.22
CA VAL A 94 11.80 7.42 22.56
C VAL A 94 12.80 8.10 23.49
N LEU A 95 12.29 8.61 24.61
CA LEU A 95 13.13 9.29 25.60
C LEU A 95 12.72 8.85 27.00
N LEU A 96 13.67 8.27 27.75
CA LEU A 96 13.41 7.80 29.12
C LEU A 96 12.65 8.87 29.88
N GLY A 97 11.51 8.51 30.43
CA GLY A 97 10.73 9.46 31.21
C GLY A 97 9.77 10.39 30.47
N GLN A 98 9.94 10.55 29.17
CA GLN A 98 9.07 11.44 28.39
C GLN A 98 7.81 10.70 27.94
N PRO A 99 6.61 11.21 28.29
CA PRO A 99 5.36 10.55 27.88
C PRO A 99 5.32 10.34 26.37
N ASN A 100 4.83 9.17 25.94
CA ASN A 100 4.79 8.85 24.52
C ASN A 100 3.53 8.01 24.26
N THR A 101 3.40 7.49 23.04
CA THR A 101 2.26 6.67 22.68
C THR A 101 2.78 5.62 21.74
N LEU A 102 2.47 4.35 22.04
CA LEU A 102 2.88 3.24 21.21
C LEU A 102 1.73 3.02 20.25
N ILE A 103 2.04 2.77 18.99
CA ILE A 103 1.00 2.58 17.99
C ILE A 103 1.09 1.19 17.44
N CYS A 104 -0.05 0.50 17.39
CA CYS A 104 -0.09 -0.82 16.80
C CYS A 104 -0.91 -0.67 15.52
N PHE A 105 -0.24 -0.84 14.39
CA PHE A 105 -0.87 -0.73 13.09
C PHE A 105 -1.14 -2.14 12.58
N VAL A 106 -2.40 -2.49 12.43
CA VAL A 106 -2.75 -3.83 11.94
C VAL A 106 -3.35 -3.73 10.55
N ASP A 107 -2.73 -4.39 9.60
CA ASP A 107 -3.16 -4.35 8.21
C ASP A 107 -3.65 -5.70 7.72
N ASN A 108 -4.30 -5.70 6.56
CA ASN A 108 -4.83 -6.88 5.91
C ASN A 108 -5.85 -7.59 6.79
N ILE A 109 -6.77 -6.81 7.34
CA ILE A 109 -7.82 -7.34 8.19
C ILE A 109 -9.05 -7.71 7.34
N PHE A 110 -9.54 -8.95 7.50
CA PHE A 110 -10.74 -9.40 6.80
C PHE A 110 -11.20 -10.78 7.26
N PRO A 111 -12.45 -10.89 7.71
CA PRO A 111 -13.43 -9.80 7.82
C PRO A 111 -13.13 -8.80 8.91
N PRO A 112 -13.86 -7.67 8.91
CA PRO A 112 -13.72 -6.59 9.88
C PRO A 112 -14.19 -6.90 11.29
N VAL A 113 -13.62 -7.94 11.90
CA VAL A 113 -13.90 -8.28 13.30
C VAL A 113 -12.53 -8.62 13.84
N ILE A 114 -12.15 -8.00 14.97
CA ILE A 114 -10.83 -8.24 15.53
C ILE A 114 -10.74 -7.71 16.95
N ASN A 115 -9.73 -8.18 17.67
CA ASN A 115 -9.45 -7.72 19.04
C ASN A 115 -7.98 -7.33 19.00
N ILE A 116 -7.69 -6.09 19.35
CA ILE A 116 -6.32 -5.60 19.40
C ILE A 116 -6.16 -5.10 20.82
N THR A 117 -5.25 -5.71 21.56
CA THR A 117 -5.01 -5.35 22.96
C THR A 117 -3.52 -5.23 23.22
N TRP A 118 -3.21 -4.69 24.39
CA TRP A 118 -1.82 -4.48 24.78
C TRP A 118 -1.43 -5.27 26.02
N LEU A 119 -0.19 -5.72 25.99
CA LEU A 119 0.40 -6.44 27.10
C LEU A 119 1.66 -5.67 27.49
N ARG A 120 1.78 -5.37 28.77
CA ARG A 120 2.95 -4.70 29.34
C ARG A 120 3.54 -5.74 30.30
N ASN A 121 4.77 -6.16 30.03
CA ASN A 121 5.44 -7.18 30.85
C ASN A 121 4.52 -8.40 30.94
N SER A 122 4.06 -8.85 29.78
CA SER A 122 3.17 -10.01 29.63
C SER A 122 1.82 -9.97 30.34
N LYS A 123 1.38 -8.79 30.76
CA LYS A 123 0.09 -8.66 31.44
C LYS A 123 -0.79 -7.66 30.67
N SER A 124 -2.09 -7.93 30.57
CA SER A 124 -3.01 -7.07 29.84
C SER A 124 -3.16 -5.64 30.37
N VAL A 125 -3.20 -4.68 29.45
CA VAL A 125 -3.36 -3.27 29.80
C VAL A 125 -4.79 -2.83 29.50
N THR A 126 -5.32 -1.95 30.33
CA THR A 126 -6.68 -1.43 30.19
C THR A 126 -6.66 0.07 29.92
N ASP A 127 -6.04 0.81 30.84
CA ASP A 127 -5.95 2.26 30.77
C ASP A 127 -4.97 2.76 29.71
N GLY A 128 -5.26 3.94 29.18
CA GLY A 128 -4.42 4.54 28.17
C GLY A 128 -4.53 3.89 26.80
N VAL A 129 -5.60 3.14 26.56
CA VAL A 129 -5.80 2.49 25.25
C VAL A 129 -6.98 3.10 24.48
N TYR A 130 -6.77 3.31 23.19
CA TYR A 130 -7.75 3.90 22.29
C TYR A 130 -7.57 3.16 20.95
N GLU A 131 -8.59 3.17 20.12
CA GLU A 131 -8.54 2.45 18.85
C GLU A 131 -9.29 3.23 17.75
N THR A 132 -8.89 3.06 16.49
CA THR A 132 -9.57 3.73 15.37
C THR A 132 -10.65 2.78 14.83
N SER A 133 -11.38 3.21 13.79
CA SER A 133 -12.38 2.38 13.15
C SER A 133 -11.56 1.64 12.08
N PHE A 134 -12.18 0.78 11.28
CA PHE A 134 -11.45 0.09 10.22
C PHE A 134 -11.36 1.03 9.02
N PHE A 135 -10.17 1.14 8.43
CA PHE A 135 -9.94 1.99 7.26
C PHE A 135 -9.94 1.09 6.06
N VAL A 136 -10.44 1.59 4.94
CA VAL A 136 -10.50 0.78 3.74
C VAL A 136 -9.13 0.69 3.11
N ASN A 137 -8.89 -0.41 2.41
CA ASN A 137 -7.65 -0.64 1.70
C ASN A 137 -8.05 -0.83 0.25
N ARG A 138 -7.10 -0.60 -0.66
CA ARG A 138 -7.31 -0.74 -2.08
C ARG A 138 -7.78 -2.14 -2.48
N ASP A 139 -7.42 -3.14 -1.70
CA ASP A 139 -7.80 -4.52 -2.01
C ASP A 139 -9.04 -4.97 -1.28
N TYR A 140 -9.69 -4.02 -0.62
CA TYR A 140 -10.93 -4.26 0.13
C TYR A 140 -10.80 -4.97 1.47
N SER A 141 -9.57 -5.09 1.97
CA SER A 141 -9.35 -5.62 3.32
C SER A 141 -9.35 -4.30 4.14
N PHE A 142 -9.07 -4.36 5.43
CA PHE A 142 -9.06 -3.15 6.25
C PHE A 142 -7.78 -3.04 7.06
N HIS A 143 -7.56 -1.88 7.66
CA HIS A 143 -6.43 -1.71 8.57
C HIS A 143 -7.01 -0.97 9.77
N LYS A 144 -6.39 -1.14 10.92
CA LYS A 144 -6.87 -0.51 12.14
C LYS A 144 -5.65 -0.22 13.00
N LEU A 145 -5.73 0.80 13.84
CA LEU A 145 -4.59 1.15 14.69
C LEU A 145 -5.04 1.24 16.14
N SER A 146 -4.22 0.72 17.04
CA SER A 146 -4.53 0.78 18.47
C SER A 146 -3.45 1.66 19.11
N TYR A 147 -3.81 2.37 20.17
CA TYR A 147 -2.89 3.28 20.84
C TYR A 147 -2.72 3.00 22.34
N LEU A 148 -1.48 3.03 22.83
CA LEU A 148 -1.18 2.81 24.25
C LEU A 148 -0.29 3.93 24.79
N THR A 149 -0.78 4.75 25.71
CA THR A 149 0.08 5.80 26.26
C THR A 149 1.08 5.14 27.22
N PHE A 150 2.33 5.60 27.20
CA PHE A 150 3.34 5.00 28.07
C PHE A 150 4.54 5.89 28.24
N ILE A 151 5.37 5.56 29.23
CA ILE A 151 6.61 6.29 29.49
C ILE A 151 7.74 5.29 29.30
N PRO A 152 8.68 5.58 28.40
CA PRO A 152 9.83 4.68 28.15
C PRO A 152 10.67 4.51 29.42
N SER A 153 11.01 3.26 29.74
CA SER A 153 11.81 2.97 30.93
C SER A 153 12.63 1.71 30.69
N ASP A 154 13.48 1.37 31.65
CA ASP A 154 14.35 0.21 31.58
C ASP A 154 13.70 -1.14 31.80
N ASP A 155 12.67 -1.16 32.63
CA ASP A 155 11.99 -2.39 32.99
C ASP A 155 10.77 -2.82 32.15
N ASP A 156 10.11 -1.86 31.51
CA ASP A 156 8.92 -2.15 30.72
C ASP A 156 9.10 -2.57 29.28
N ILE A 157 8.51 -3.71 28.92
CA ILE A 157 8.53 -4.24 27.56
C ILE A 157 7.07 -4.41 27.17
N TYR A 158 6.77 -4.36 25.87
CA TYR A 158 5.38 -4.42 25.42
C TYR A 158 5.07 -5.39 24.31
N ASP A 159 3.78 -5.67 24.19
CA ASP A 159 3.26 -6.54 23.15
C ASP A 159 1.89 -6.04 22.69
N CYS A 160 1.67 -6.15 21.39
CA CYS A 160 0.38 -5.83 20.81
C CYS A 160 -0.20 -7.22 20.50
N LYS A 161 -1.30 -7.57 21.16
CA LYS A 161 -1.95 -8.85 20.95
C LYS A 161 -3.07 -8.70 19.92
N VAL A 162 -2.99 -9.50 18.85
CA VAL A 162 -4.00 -9.48 17.80
C VAL A 162 -4.71 -10.83 17.78
N GLU A 163 -6.02 -10.81 17.99
CA GLU A 163 -6.84 -12.01 17.98
C GLU A 163 -7.84 -11.89 16.81
N HIS A 164 -7.77 -12.81 15.85
CA HIS A 164 -8.64 -12.78 14.67
C HIS A 164 -8.98 -14.21 14.18
N TRP A 165 -10.13 -14.39 13.53
CA TRP A 165 -10.55 -15.70 13.02
C TRP A 165 -9.57 -16.30 12.02
N GLY A 166 -8.75 -15.47 11.40
CA GLY A 166 -7.79 -15.97 10.43
C GLY A 166 -6.48 -16.33 11.09
N LEU A 167 -6.43 -16.23 12.41
CA LEU A 167 -5.23 -16.55 13.20
C LEU A 167 -5.53 -17.72 14.15
N GLU A 168 -4.78 -18.82 14.01
CA GLU A 168 -4.97 -20.01 14.85
C GLU A 168 -4.88 -19.68 16.35
N GLU A 169 -3.97 -18.76 16.68
CA GLU A 169 -3.76 -18.31 18.06
C GLU A 169 -3.47 -16.83 18.03
N PRO A 170 -3.83 -16.10 19.10
CA PRO A 170 -3.56 -14.66 19.16
C PRO A 170 -2.07 -14.46 18.90
N VAL A 171 -1.73 -13.49 18.05
CA VAL A 171 -0.34 -13.19 17.72
C VAL A 171 0.16 -12.03 18.58
N LEU A 172 1.43 -12.09 18.97
CA LEU A 172 2.01 -11.03 19.77
C LEU A 172 3.10 -10.32 18.98
N LYS A 173 3.03 -9.00 18.91
CA LYS A 173 4.07 -8.23 18.22
C LYS A 173 4.78 -7.52 19.36
N HIS A 174 6.02 -7.92 19.59
CA HIS A 174 6.83 -7.39 20.67
C HIS A 174 7.55 -6.09 20.37
N TRP A 175 7.64 -5.23 21.37
CA TRP A 175 8.33 -3.96 21.24
C TRP A 175 8.90 -3.51 22.59
N GLU A 176 10.15 -3.11 22.57
CA GLU A 176 10.82 -2.59 23.78
C GLU A 176 11.77 -1.47 23.39
N PRO A 177 11.83 -0.43 24.23
CA PRO A 177 12.70 0.71 23.95
C PRO A 177 14.19 0.38 23.91
N GLU A 178 14.98 1.41 23.66
CA GLU A 178 16.42 1.30 23.62
C GLU A 178 16.86 2.60 24.28
N GLY B 1 -19.35 -18.97 7.79
CA GLY B 1 -19.21 -18.11 8.98
C GLY B 1 -20.02 -16.84 8.82
N SER B 2 -19.37 -15.75 8.42
CA SER B 2 -20.06 -14.49 8.29
C SER B 2 -20.13 -13.95 6.86
N PHE B 3 -20.81 -12.81 6.72
CA PHE B 3 -20.99 -12.16 5.41
C PHE B 3 -20.86 -10.67 5.64
N VAL B 4 -20.13 -10.01 4.73
CA VAL B 4 -19.85 -8.56 4.81
C VAL B 4 -20.27 -7.75 3.59
N HIS B 5 -20.80 -6.56 3.81
CA HIS B 5 -21.13 -5.70 2.69
C HIS B 5 -20.45 -4.36 2.93
N GLN B 6 -19.74 -3.90 1.91
CA GLN B 6 -19.05 -2.63 2.01
C GLN B 6 -19.54 -1.68 0.93
N PHE B 7 -19.71 -0.41 1.31
CA PHE B 7 -20.11 0.67 0.41
C PHE B 7 -19.02 1.72 0.60
N GLN B 8 -18.19 1.92 -0.42
CA GLN B 8 -17.09 2.87 -0.36
C GLN B 8 -17.09 4.02 -1.39
N PRO B 9 -17.47 5.23 -0.96
CA PRO B 9 -17.49 6.37 -1.87
C PRO B 9 -16.10 7.08 -1.95
N PHE B 10 -15.77 7.66 -3.09
CA PHE B 10 -14.48 8.37 -3.25
C PHE B 10 -14.62 9.64 -4.09
N CYS B 11 -14.25 10.79 -3.52
CA CYS B 11 -14.26 12.06 -4.24
C CYS B 11 -12.79 12.41 -4.48
N TYR B 12 -12.32 12.24 -5.72
CA TYR B 12 -10.95 12.55 -6.10
C TYR B 12 -10.85 13.99 -6.62
N PHE B 13 -10.10 14.82 -5.90
CA PHE B 13 -9.94 16.22 -6.26
C PHE B 13 -8.56 16.53 -6.81
N THR B 14 -8.51 17.34 -7.87
CA THR B 14 -7.26 17.73 -8.48
C THR B 14 -7.32 19.24 -8.74
N ASN B 15 -6.28 19.95 -8.29
CA ASN B 15 -6.19 21.40 -8.40
C ASN B 15 -7.43 21.92 -7.69
N GLY B 16 -7.60 21.55 -6.43
CA GLY B 16 -8.77 21.98 -5.69
C GLY B 16 -10.00 21.37 -6.33
N THR B 17 -11.06 22.14 -6.53
CA THR B 17 -12.26 21.61 -7.17
C THR B 17 -12.29 21.79 -8.69
N GLN B 18 -11.11 21.99 -9.30
CA GLN B 18 -11.01 22.17 -10.75
C GLN B 18 -11.38 20.88 -11.47
N ARG B 19 -11.06 19.75 -10.87
CA ARG B 19 -11.37 18.47 -11.46
C ARG B 19 -11.79 17.56 -10.31
N ILE B 20 -13.04 17.12 -10.33
CA ILE B 20 -13.58 16.22 -9.31
C ILE B 20 -14.08 14.95 -9.98
N ARG B 21 -13.68 13.80 -9.47
CA ARG B 21 -14.14 12.55 -10.01
C ARG B 21 -14.78 11.81 -8.85
N LEU B 22 -15.94 11.20 -9.10
CA LEU B 22 -16.67 10.47 -8.06
C LEU B 22 -16.76 8.99 -8.39
N VAL B 23 -16.17 8.15 -7.54
CA VAL B 23 -16.20 6.69 -7.73
C VAL B 23 -16.90 6.08 -6.53
N ILE B 24 -17.90 5.25 -6.80
CA ILE B 24 -18.67 4.60 -5.74
C ILE B 24 -18.63 3.10 -5.96
N ARG B 25 -18.11 2.37 -4.98
CA ARG B 25 -17.97 0.93 -5.05
C ARG B 25 -18.92 0.20 -4.13
N TYR B 26 -19.57 -0.83 -4.67
CA TYR B 26 -20.50 -1.65 -3.91
C TYR B 26 -19.79 -3.00 -3.87
N ILE B 27 -19.54 -3.50 -2.66
CA ILE B 27 -18.81 -4.75 -2.48
C ILE B 27 -19.47 -5.77 -1.57
N TYR B 28 -19.40 -7.02 -2.00
CA TYR B 28 -19.93 -8.14 -1.20
C TYR B 28 -18.69 -8.90 -0.71
N ASN B 29 -18.51 -8.93 0.61
CA ASN B 29 -17.35 -9.55 1.23
C ASN B 29 -16.17 -8.78 0.67
N ARG B 30 -15.54 -9.31 -0.37
CA ARG B 30 -14.41 -8.62 -1.00
C ARG B 30 -14.50 -8.53 -2.51
N GLU B 31 -15.70 -8.73 -3.04
CA GLU B 31 -15.94 -8.66 -4.48
C GLU B 31 -16.77 -7.42 -4.77
N GLU B 32 -16.23 -6.52 -5.59
CA GLU B 32 -16.92 -5.30 -6.00
C GLU B 32 -17.91 -5.74 -7.10
N TYR B 33 -19.22 -5.57 -6.87
CA TYR B 33 -20.18 -6.00 -7.88
C TYR B 33 -20.73 -4.93 -8.83
N VAL B 34 -20.93 -3.71 -8.34
CA VAL B 34 -21.41 -2.62 -9.18
C VAL B 34 -20.69 -1.33 -8.78
N ARG B 35 -20.27 -0.55 -9.78
CA ARG B 35 -19.56 0.69 -9.54
C ARG B 35 -20.03 1.89 -10.36
N PHE B 36 -20.13 3.04 -9.70
CA PHE B 36 -20.47 4.28 -10.40
C PHE B 36 -19.16 5.05 -10.50
N ASP B 37 -18.79 5.42 -11.72
CA ASP B 37 -17.57 6.18 -11.94
C ASP B 37 -17.96 7.40 -12.81
N SER B 38 -17.91 8.60 -12.24
CA SER B 38 -18.29 9.80 -12.97
C SER B 38 -17.53 10.00 -14.30
N ASP B 39 -16.36 9.40 -14.45
CA ASP B 39 -15.59 9.49 -15.69
C ASP B 39 -16.33 8.68 -16.76
N VAL B 40 -17.03 7.64 -16.31
CA VAL B 40 -17.81 6.80 -17.20
C VAL B 40 -19.19 7.42 -17.38
N GLY B 41 -19.78 7.94 -16.31
CA GLY B 41 -21.06 8.60 -16.44
C GLY B 41 -22.30 7.87 -15.96
N GLU B 42 -22.18 6.58 -15.69
CA GLU B 42 -23.33 5.78 -15.23
C GLU B 42 -22.85 4.56 -14.43
N TYR B 43 -23.77 3.89 -13.74
CA TYR B 43 -23.44 2.70 -12.98
C TYR B 43 -23.04 1.59 -13.94
N ARG B 44 -22.23 0.66 -13.46
CA ARG B 44 -21.78 -0.47 -14.26
C ARG B 44 -21.65 -1.70 -13.38
N ALA B 45 -21.88 -2.87 -13.98
CA ALA B 45 -21.79 -4.12 -13.25
C ALA B 45 -20.35 -4.58 -13.38
N VAL B 46 -19.71 -4.81 -12.25
CA VAL B 46 -18.32 -5.28 -12.25
C VAL B 46 -18.37 -6.80 -12.41
N THR B 47 -19.33 -7.44 -11.77
CA THR B 47 -19.53 -8.88 -11.87
C THR B 47 -21.02 -9.16 -11.98
N GLU B 48 -21.37 -10.41 -12.28
CA GLU B 48 -22.77 -10.80 -12.41
C GLU B 48 -23.66 -10.31 -11.29
N LEU B 49 -23.15 -10.29 -10.06
CA LEU B 49 -23.96 -9.85 -8.92
C LEU B 49 -24.53 -8.45 -9.06
N GLY B 50 -23.91 -7.64 -9.93
CA GLY B 50 -24.33 -6.25 -10.12
C GLY B 50 -25.39 -5.90 -11.16
N ARG B 51 -25.68 -6.82 -12.09
CA ARG B 51 -26.69 -6.59 -13.14
C ARG B 51 -28.07 -6.17 -12.60
N PRO B 52 -28.59 -6.85 -11.56
CA PRO B 52 -29.90 -6.47 -11.02
C PRO B 52 -29.91 -5.02 -10.54
N ASP B 53 -28.72 -4.48 -10.29
CA ASP B 53 -28.58 -3.11 -9.77
C ASP B 53 -28.26 -2.05 -10.82
N ALA B 54 -27.25 -2.28 -11.64
CA ALA B 54 -26.86 -1.32 -12.67
C ALA B 54 -28.07 -0.88 -13.49
N GLU B 55 -28.70 -1.86 -14.12
CA GLU B 55 -29.88 -1.68 -14.94
C GLU B 55 -30.86 -0.69 -14.31
N TYR B 56 -31.38 -1.04 -13.15
CA TYR B 56 -32.36 -0.23 -12.45
C TYR B 56 -31.91 1.17 -12.02
N TRP B 57 -30.71 1.24 -11.43
CA TRP B 57 -30.17 2.49 -10.91
C TRP B 57 -29.92 3.56 -11.98
N ASN B 58 -29.54 3.12 -13.17
CA ASN B 58 -29.33 4.05 -14.28
C ASN B 58 -30.66 4.72 -14.70
N LYS B 59 -31.78 4.07 -14.36
CA LYS B 59 -33.09 4.63 -14.69
C LYS B 59 -33.60 5.53 -13.57
N GLN B 60 -33.45 5.10 -12.33
CA GLN B 60 -33.98 5.87 -11.21
C GLN B 60 -33.05 6.74 -10.39
N TYR B 61 -31.75 6.52 -10.48
CA TYR B 61 -30.82 7.28 -9.65
C TYR B 61 -29.61 7.87 -10.35
N LEU B 62 -29.57 7.80 -11.67
CA LEU B 62 -28.43 8.32 -12.42
C LEU B 62 -28.14 9.80 -12.16
N GLU B 63 -29.13 10.65 -12.40
CA GLU B 63 -28.94 12.09 -12.23
C GLU B 63 -28.71 12.46 -10.77
N ARG B 64 -29.39 11.80 -9.84
CA ARG B 64 -29.23 12.04 -8.39
C ARG B 64 -27.75 11.80 -8.03
N THR B 65 -27.20 10.71 -8.54
CA THR B 65 -25.83 10.31 -8.24
C THR B 65 -24.85 11.28 -8.88
N ARG B 66 -25.05 11.59 -10.15
CA ARG B 66 -24.15 12.52 -10.84
C ARG B 66 -24.07 13.86 -10.12
N ALA B 67 -25.21 14.31 -9.61
CA ALA B 67 -25.28 15.58 -8.93
C ALA B 67 -24.49 15.62 -7.63
N GLU B 68 -24.12 14.46 -7.10
CA GLU B 68 -23.37 14.42 -5.83
C GLU B 68 -21.97 14.96 -6.01
N LEU B 69 -21.53 14.99 -7.26
CA LEU B 69 -20.23 15.53 -7.59
C LEU B 69 -20.22 17.00 -7.13
N ASP B 70 -21.40 17.64 -7.10
CA ASP B 70 -21.51 19.04 -6.66
C ASP B 70 -22.13 19.12 -5.27
N THR B 71 -23.20 18.38 -5.04
CA THR B 71 -23.91 18.39 -3.76
C THR B 71 -23.12 17.79 -2.59
N VAL B 72 -22.19 16.89 -2.90
CA VAL B 72 -21.37 16.27 -1.86
C VAL B 72 -19.87 16.59 -2.04
N CYS B 73 -19.26 16.07 -3.10
CA CYS B 73 -17.84 16.30 -3.32
C CYS B 73 -17.40 17.76 -3.22
N ARG B 74 -17.88 18.60 -4.14
CA ARG B 74 -17.52 20.01 -4.14
C ARG B 74 -18.00 20.74 -2.89
N HIS B 75 -19.34 20.33 -2.53
CA HIS B 75 -19.86 21.00 -1.35
C HIS B 75 -19.01 20.76 -0.11
N ASN B 76 -18.64 19.50 0.13
CA ASN B 76 -17.85 19.15 1.30
C ASN B 76 -16.47 19.81 1.26
N TYR B 77 -15.82 19.71 0.10
CA TYR B 77 -14.51 20.30 -0.07
C TYR B 77 -14.47 21.80 0.20
N GLU B 78 -15.40 22.55 -0.40
CA GLU B 78 -15.45 23.99 -0.24
C GLU B 78 -16.02 24.48 1.08
N LYS B 79 -16.91 23.82 1.50
CA LYS B 79 -17.52 24.30 2.73
C LYS B 79 -17.07 23.65 4.04
N THR B 80 -16.60 22.38 4.12
CA THR B 80 -16.19 21.71 5.35
C THR B 80 -14.73 21.29 5.41
N GLU B 81 -14.17 20.79 4.31
CA GLU B 81 -12.76 20.42 4.31
C GLU B 81 -11.93 21.69 4.35
N THR B 82 -12.38 22.71 3.63
CA THR B 82 -11.67 23.98 3.58
C THR B 82 -11.32 24.55 4.95
N PRO B 83 -12.30 24.73 5.85
CA PRO B 83 -11.94 25.28 7.14
C PRO B 83 -11.33 24.29 8.15
N THR B 84 -11.11 23.03 7.74
CA THR B 84 -10.57 22.02 8.67
C THR B 84 -9.38 21.24 8.10
N SER B 85 -9.36 20.33 7.46
CA SER B 85 -8.34 19.49 6.87
C SER B 85 -7.30 20.28 6.10
N LEU B 86 -7.75 21.13 5.19
CA LEU B 86 -6.85 21.91 4.36
C LEU B 86 -6.10 23.05 5.06
N ARG B 87 -6.51 23.37 6.28
CA ARG B 87 -5.88 24.43 7.05
C ARG B 87 -4.96 23.87 8.14
N ARG B 88 -4.98 22.56 8.33
CA ARG B 88 -4.15 21.91 9.34
C ARG B 88 -2.68 21.97 9.00
N LEU B 89 -1.91 22.50 9.95
CA LEU B 89 -0.47 22.62 9.81
C LEU B 89 0.17 22.19 11.15
N GLU B 90 0.96 21.12 11.09
CA GLU B 90 1.65 20.61 12.26
C GLU B 90 3.14 20.53 11.92
N GLN B 91 3.96 21.27 12.66
CA GLN B 91 5.41 21.31 12.41
C GLN B 91 6.13 20.04 12.80
N PRO B 92 7.10 19.64 12.00
CA PRO B 92 7.84 18.41 12.31
C PRO B 92 8.88 18.60 13.43
N SER B 93 9.08 17.57 14.24
CA SER B 93 10.10 17.58 15.29
C SER B 93 11.21 16.85 14.58
N VAL B 94 12.44 17.30 14.77
CA VAL B 94 13.57 16.66 14.13
C VAL B 94 14.64 16.41 15.20
N VAL B 95 15.16 15.19 15.24
CA VAL B 95 16.19 14.85 16.21
C VAL B 95 17.07 13.82 15.54
N ILE B 96 18.37 13.90 15.82
CA ILE B 96 19.33 12.96 15.26
C ILE B 96 19.82 12.04 16.38
N SER B 97 20.17 10.82 16.04
CA SER B 97 20.68 9.86 17.00
C SER B 97 21.60 8.97 16.20
N LEU B 98 22.55 8.34 16.87
CA LEU B 98 23.52 7.48 16.21
C LEU B 98 23.06 6.04 16.43
N SER B 99 23.20 5.18 15.43
CA SER B 99 22.76 3.79 15.54
C SER B 99 23.64 2.97 16.45
N ARG B 100 24.93 2.95 16.13
CA ARG B 100 25.90 2.19 16.90
C ARG B 100 26.64 3.14 17.82
N THR B 101 27.08 2.61 18.95
CA THR B 101 27.83 3.40 19.93
C THR B 101 29.07 3.99 19.22
N GLU B 102 29.25 5.30 19.39
CA GLU B 102 30.35 6.03 18.75
C GLU B 102 31.78 5.52 18.95
N ALA B 103 32.59 5.70 17.91
CA ALA B 103 34.00 5.32 17.85
C ALA B 103 34.48 5.95 16.55
N LEU B 104 35.23 7.06 16.67
CA LEU B 104 35.74 7.77 15.50
C LEU B 104 36.41 6.88 14.45
N ASN B 105 36.21 7.25 13.19
CA ASN B 105 36.80 6.56 12.04
C ASN B 105 36.19 5.19 11.73
N HIS B 106 35.14 4.83 12.46
CA HIS B 106 34.45 3.57 12.26
C HIS B 106 33.09 3.87 11.63
N HIS B 107 32.72 3.09 10.61
CA HIS B 107 31.43 3.29 9.93
C HIS B 107 30.26 3.29 10.93
N ASN B 108 29.25 4.09 10.63
CA ASN B 108 28.07 4.18 11.50
C ASN B 108 26.92 4.74 10.66
N THR B 109 25.80 5.06 11.31
CA THR B 109 24.63 5.57 10.63
C THR B 109 23.97 6.59 11.51
N LEU B 110 23.61 7.73 10.92
CA LEU B 110 22.93 8.77 11.67
C LEU B 110 21.46 8.61 11.31
N VAL B 111 20.58 8.76 12.29
CA VAL B 111 19.16 8.62 12.07
C VAL B 111 18.46 9.94 12.35
N CYS B 112 17.84 10.50 11.30
CA CYS B 112 17.10 11.74 11.49
C CYS B 112 15.63 11.39 11.61
N SER B 113 15.06 11.60 12.80
CA SER B 113 13.68 11.30 13.06
C SER B 113 12.85 12.56 12.89
N VAL B 114 12.06 12.59 11.82
CA VAL B 114 11.20 13.73 11.51
C VAL B 114 9.79 13.24 11.82
N THR B 115 9.18 13.80 12.86
CA THR B 115 7.91 13.29 13.33
C THR B 115 6.81 14.30 13.62
N ASP B 116 5.61 13.78 13.84
CA ASP B 116 4.46 14.57 14.19
C ASP B 116 4.06 15.68 13.23
N PHE B 117 4.30 15.50 11.94
CA PHE B 117 3.92 16.55 10.99
C PHE B 117 2.68 16.28 10.12
N TYR B 118 2.08 17.36 9.63
CA TYR B 118 0.91 17.30 8.75
C TYR B 118 0.89 18.62 7.97
N PRO B 119 0.62 18.57 6.65
CA PRO B 119 0.32 17.41 5.80
C PRO B 119 1.56 16.59 5.47
N ALA B 120 1.38 15.63 4.57
CA ALA B 120 2.43 14.71 4.17
C ALA B 120 3.58 15.27 3.37
N LYS B 121 3.36 16.34 2.61
CA LYS B 121 4.44 16.89 1.78
C LYS B 121 5.60 17.36 2.64
N ILE B 122 6.78 16.83 2.39
CA ILE B 122 7.95 17.19 3.20
C ILE B 122 9.24 16.88 2.43
N LYS B 123 10.31 17.58 2.77
CA LYS B 123 11.59 17.33 2.12
C LYS B 123 12.61 17.21 3.25
N VAL B 124 13.37 16.11 3.26
CA VAL B 124 14.38 15.89 4.30
C VAL B 124 15.70 15.59 3.59
N ARG B 125 16.72 16.39 3.90
CA ARG B 125 18.03 16.27 3.27
C ARG B 125 19.14 16.14 4.31
N TRP B 126 20.21 15.44 3.93
CA TRP B 126 21.36 15.24 4.80
C TRP B 126 22.53 15.99 4.21
N PHE B 127 23.25 16.72 5.06
CA PHE B 127 24.45 17.43 4.63
C PHE B 127 25.62 17.03 5.50
N ARG B 128 26.80 16.93 4.91
CA ARG B 128 28.01 16.62 5.63
C ARG B 128 29.00 17.72 5.26
N ASN B 129 29.29 18.61 6.21
CA ASN B 129 30.22 19.73 5.99
C ASN B 129 29.76 20.63 4.86
N GLY B 130 28.47 20.97 4.85
CA GLY B 130 27.95 21.84 3.81
C GLY B 130 27.65 21.22 2.45
N GLN B 131 28.01 19.97 2.22
CA GLN B 131 27.71 19.32 0.95
C GLN B 131 26.53 18.37 1.16
N GLU B 132 25.59 18.37 0.23
CA GLU B 132 24.43 17.49 0.34
C GLU B 132 24.78 16.03 0.05
N GLU B 133 24.34 15.15 0.94
CA GLU B 133 24.57 13.72 0.78
C GLU B 133 23.43 13.09 -0.03
N THR B 134 23.75 12.14 -0.90
CA THR B 134 22.73 11.51 -1.71
C THR B 134 22.75 9.99 -1.69
N VAL B 135 23.78 9.40 -2.27
CA VAL B 135 23.87 7.95 -2.33
C VAL B 135 23.76 7.17 -1.02
N GLY B 136 24.31 7.71 0.06
CA GLY B 136 24.28 7.03 1.36
C GLY B 136 23.07 7.33 2.22
N VAL B 137 22.10 8.04 1.66
CA VAL B 137 20.86 8.38 2.37
C VAL B 137 19.80 7.31 2.04
N SER B 138 19.12 6.82 3.09
CA SER B 138 18.06 5.82 2.90
C SER B 138 16.89 6.37 3.69
N SER B 139 15.70 5.89 3.40
CA SER B 139 14.53 6.41 4.08
C SER B 139 13.42 5.37 4.22
N THR B 140 12.58 5.56 5.22
CA THR B 140 11.44 4.67 5.38
C THR B 140 10.36 5.28 4.49
N GLN B 141 9.21 4.63 4.40
CA GLN B 141 8.12 5.20 3.64
C GLN B 141 7.57 6.26 4.58
N LEU B 142 6.62 7.05 4.12
CA LEU B 142 5.99 8.06 4.95
C LEU B 142 5.07 7.23 5.86
N ILE B 143 5.23 7.39 7.16
CA ILE B 143 4.45 6.63 8.11
C ILE B 143 3.27 7.42 8.64
N ARG B 144 2.08 6.85 8.45
CA ARG B 144 0.86 7.49 8.90
C ARG B 144 0.58 6.96 10.29
N ASN B 145 0.67 7.85 11.29
CA ASN B 145 0.44 7.47 12.68
C ASN B 145 -1.00 7.18 12.97
N GLY B 146 -1.88 7.68 12.10
CA GLY B 146 -3.30 7.46 12.28
C GLY B 146 -3.99 8.46 13.17
N ASP B 147 -3.24 9.45 13.64
CA ASP B 147 -3.81 10.49 14.50
C ASP B 147 -3.70 11.88 13.84
N TRP B 148 -3.64 11.91 12.52
CA TRP B 148 -3.53 13.14 11.73
C TRP B 148 -2.12 13.78 11.76
N THR B 149 -1.09 12.94 11.86
CA THR B 149 0.30 13.34 11.83
C THR B 149 1.03 12.19 11.18
N PHE B 150 2.18 12.48 10.56
CA PHE B 150 3.02 11.49 9.88
C PHE B 150 4.39 11.50 10.53
N GLN B 151 5.26 10.58 10.10
CA GLN B 151 6.62 10.53 10.57
C GLN B 151 7.41 9.82 9.49
N VAL B 152 8.71 10.10 9.40
CA VAL B 152 9.56 9.44 8.42
C VAL B 152 10.99 9.42 8.99
N LEU B 153 11.73 8.34 8.74
CA LEU B 153 13.09 8.22 9.25
C LEU B 153 14.06 8.20 8.08
N VAL B 154 15.00 9.15 8.09
CA VAL B 154 15.98 9.25 7.03
C VAL B 154 17.36 8.99 7.62
N MET B 155 18.02 7.99 7.08
CA MET B 155 19.33 7.57 7.57
C MET B 155 20.46 8.00 6.63
N LEU B 156 21.64 8.18 7.22
CA LEU B 156 22.84 8.54 6.48
C LEU B 156 23.96 7.60 6.91
N GLU B 157 24.51 6.90 5.93
CA GLU B 157 25.63 6.00 6.15
C GLU B 157 26.84 6.94 6.20
N MET B 158 27.59 6.89 7.29
CA MET B 158 28.75 7.77 7.46
C MET B 158 29.86 7.23 8.36
N THR B 159 30.95 7.99 8.47
CA THR B 159 32.10 7.65 9.31
C THR B 159 32.43 8.92 10.07
N PRO B 160 32.09 8.98 11.37
CA PRO B 160 32.39 10.18 12.16
C PRO B 160 33.87 10.50 12.33
N ARG B 161 34.30 11.65 11.80
CA ARG B 161 35.67 12.11 11.94
C ARG B 161 35.63 13.45 12.66
N ARG B 162 36.73 13.80 13.32
CA ARG B 162 36.76 15.05 14.08
C ARG B 162 36.57 16.27 13.21
N GLY B 163 35.84 17.24 13.76
CA GLY B 163 35.61 18.48 13.04
C GLY B 163 34.45 18.48 12.06
N GLU B 164 33.93 17.30 11.73
CA GLU B 164 32.79 17.19 10.81
C GLU B 164 31.48 17.64 11.40
N VAL B 165 30.63 18.20 10.54
CA VAL B 165 29.31 18.67 10.94
C VAL B 165 28.31 18.03 9.97
N TYR B 166 27.41 17.23 10.55
CA TYR B 166 26.36 16.53 9.83
C TYR B 166 25.08 17.26 10.12
N THR B 167 24.33 17.62 9.08
CA THR B 167 23.09 18.35 9.26
C THR B 167 21.88 17.68 8.60
N CYS B 168 20.81 17.55 9.36
CA CYS B 168 19.57 17.00 8.84
C CYS B 168 18.79 18.28 8.54
N HIS B 169 18.34 18.43 7.29
CA HIS B 169 17.65 19.63 6.82
C HIS B 169 16.19 19.34 6.42
N VAL B 170 15.23 19.91 7.14
CA VAL B 170 13.81 19.67 6.86
C VAL B 170 13.02 20.89 6.38
N GLU B 171 12.32 20.75 5.26
CA GLU B 171 11.48 21.79 4.68
C GLU B 171 10.02 21.28 4.69
N HIS B 172 9.10 22.11 5.16
CA HIS B 172 7.69 21.72 5.26
C HIS B 172 6.80 22.98 5.25
N PRO B 173 5.60 22.90 4.65
CA PRO B 173 4.67 24.03 4.58
C PRO B 173 4.35 24.72 5.88
N SER B 174 4.47 24.01 6.99
CA SER B 174 4.17 24.61 8.29
C SER B 174 5.33 25.48 8.78
N LEU B 175 6.42 25.48 8.00
CA LEU B 175 7.64 26.19 8.37
C LEU B 175 7.99 27.29 7.40
N THR B 176 8.23 28.48 7.93
CA THR B 176 8.64 29.62 7.12
C THR B 176 10.09 29.37 6.66
N SER B 177 10.93 28.89 7.59
CA SER B 177 12.33 28.58 7.31
C SER B 177 12.59 27.12 7.65
N PRO B 178 13.54 26.49 6.94
CA PRO B 178 13.87 25.07 7.19
C PRO B 178 14.30 24.81 8.63
N ILE B 179 14.05 23.60 9.14
CA ILE B 179 14.50 23.25 10.49
C ILE B 179 15.74 22.43 10.20
N THR B 180 16.85 22.77 10.86
CA THR B 180 18.08 22.00 10.66
C THR B 180 18.59 21.58 12.02
N VAL B 181 19.20 20.41 12.08
CA VAL B 181 19.74 19.89 13.32
C VAL B 181 21.12 19.38 12.95
N GLU B 182 22.10 19.74 13.77
CA GLU B 182 23.48 19.34 13.52
C GLU B 182 23.94 18.26 14.48
N TRP B 183 24.91 17.49 14.04
CA TRP B 183 25.48 16.46 14.86
C TRP B 183 26.96 16.56 14.55
N ARG B 184 27.78 16.72 15.58
CA ARG B 184 29.24 16.81 15.41
C ARG B 184 29.85 15.63 16.12
N ALA B 185 30.90 15.06 15.53
CA ALA B 185 31.58 13.94 16.14
C ALA B 185 32.43 14.47 17.31
N GLY C 1 -25.87 24.84 12.36
CA GLY C 1 -24.71 25.58 11.81
C GLY C 1 -24.13 24.92 10.57
N ASN C 2 -22.83 24.65 10.60
CA ASN C 2 -22.16 24.01 9.47
C ASN C 2 -22.62 22.57 9.29
N SER C 3 -23.50 22.36 8.31
CA SER C 3 -24.04 21.03 8.05
C SER C 3 -23.26 20.19 7.04
N HIS C 4 -22.83 19.02 7.49
CA HIS C 4 -22.07 18.08 6.69
C HIS C 4 -22.99 16.98 6.20
N ARG C 5 -22.87 16.63 4.93
CA ARG C 5 -23.66 15.53 4.40
C ARG C 5 -22.67 14.48 3.90
N GLY C 6 -23.18 13.31 3.58
CA GLY C 6 -22.32 12.25 3.07
C GLY C 6 -22.83 11.78 1.73
N ALA C 7 -22.45 10.58 1.32
CA ALA C 7 -22.94 10.03 0.07
C ALA C 7 -24.16 9.23 0.50
N ILE C 8 -25.03 8.90 -0.42
CA ILE C 8 -26.21 8.14 -0.07
C ILE C 8 -26.16 6.77 -0.73
N GLU C 9 -26.01 5.73 0.08
CA GLU C 9 -25.96 4.37 -0.45
C GLU C 9 -27.35 4.05 -0.94
N TRP C 10 -27.45 3.57 -2.17
CA TRP C 10 -28.74 3.24 -2.73
C TRP C 10 -29.12 1.79 -2.53
N GLU C 11 -30.41 1.53 -2.54
CA GLU C 11 -30.95 0.18 -2.38
C GLU C 11 -30.77 -0.59 -3.67
N GLY C 12 -30.98 -1.91 -3.61
CA GLY C 12 -30.83 -2.72 -4.81
C GLY C 12 -32.12 -3.46 -5.13
N ILE C 13 -32.31 -3.81 -6.40
CA ILE C 13 -33.53 -4.50 -6.80
C ILE C 13 -33.51 -5.97 -6.37
N GLU C 14 -34.69 -6.55 -6.29
CA GLU C 14 -34.82 -7.94 -5.84
C GLU C 14 -35.43 -8.87 -6.90
N SER C 15 -35.39 -10.17 -6.61
CA SER C 15 -35.97 -11.20 -7.48
C SER C 15 -35.68 -11.05 -8.98
N GLY C 16 -36.55 -11.63 -9.81
CA GLY C 16 -36.47 -11.56 -11.26
C GLY C 16 -35.27 -12.12 -12.02
C LYS D 1 23.84 -18.46 -8.58
N LYS D 2 22.75 -18.03 -7.92
CA LYS D 2 21.41 -18.46 -8.29
C LYS D 2 21.05 -17.62 -9.53
N VAL D 3 20.44 -18.17 -10.55
CA VAL D 3 20.13 -17.32 -11.68
C VAL D 3 18.62 -17.20 -11.81
N VAL D 4 18.04 -16.01 -11.77
CA VAL D 4 16.60 -15.96 -11.96
C VAL D 4 16.31 -15.27 -13.30
N LEU D 5 15.35 -15.77 -14.12
CA LEU D 5 14.99 -15.13 -15.39
C LEU D 5 13.65 -14.42 -15.28
N GLY D 6 13.46 -13.24 -15.83
CA GLY D 6 12.16 -12.66 -15.68
C GLY D 6 11.66 -12.21 -17.04
N LYS D 7 10.39 -11.83 -17.17
CA LYS D 7 9.88 -11.35 -18.45
C LYS D 7 9.55 -9.84 -18.38
N LYS D 8 10.00 -9.09 -19.38
CA LYS D 8 9.72 -7.68 -19.42
C LYS D 8 8.32 -7.36 -19.00
N GLY D 9 8.09 -6.37 -18.10
CA GLY D 9 6.71 -6.03 -17.72
C GLY D 9 6.04 -6.96 -16.71
N ASP D 10 6.67 -8.06 -16.32
CA ASP D 10 6.09 -8.95 -15.33
C ASP D 10 6.71 -8.61 -13.98
N THR D 11 6.37 -9.27 -12.90
CA THR D 11 6.95 -8.98 -11.60
C THR D 11 7.82 -10.17 -11.18
N VAL D 12 8.97 -9.95 -10.52
CA VAL D 12 9.70 -11.10 -10.03
C VAL D 12 9.88 -10.96 -8.55
N GLU D 13 10.15 -12.11 -7.93
CA GLU D 13 10.42 -12.14 -6.54
C GLU D 13 11.70 -12.92 -6.39
N LEU D 14 12.77 -12.21 -5.92
CA LEU D 14 14.07 -12.82 -5.69
C LEU D 14 14.09 -13.26 -4.22
N THR D 15 14.49 -14.48 -3.87
CA THR D 15 14.38 -14.90 -2.47
C THR D 15 15.65 -14.73 -1.64
N CYS D 16 15.46 -14.66 -0.34
CA CYS D 16 16.57 -14.52 0.57
C CYS D 16 16.15 -15.13 1.90
N THR D 17 16.66 -16.32 2.18
CA THR D 17 16.34 -16.99 3.41
C THR D 17 17.58 -16.94 4.24
N ALA D 18 17.48 -16.58 5.50
CA ALA D 18 18.65 -16.59 6.34
C ALA D 18 18.36 -17.45 7.54
N SER D 19 19.18 -17.38 8.59
CA SER D 19 18.80 -18.20 9.71
C SER D 19 18.16 -17.40 10.84
N GLN D 20 18.18 -17.87 12.09
CA GLN D 20 17.48 -17.12 13.13
C GLN D 20 16.18 -16.50 12.58
N LYS D 21 15.18 -17.35 12.36
CA LYS D 21 13.86 -16.88 11.89
C LYS D 21 13.45 -15.61 12.68
N LYS D 22 13.71 -14.39 12.15
CA LYS D 22 13.33 -13.14 12.84
C LYS D 22 13.65 -11.84 12.08
N SER D 23 12.76 -10.82 12.15
CA SER D 23 13.05 -9.58 11.44
C SER D 23 14.31 -8.97 11.99
N ILE D 24 15.44 -9.53 11.59
CA ILE D 24 16.67 -8.97 12.09
C ILE D 24 17.26 -7.96 11.06
N GLN D 25 18.56 -7.83 10.89
CA GLN D 25 19.01 -6.80 9.98
C GLN D 25 19.42 -7.29 8.63
N PHE D 26 18.86 -6.66 7.59
CA PHE D 26 19.19 -7.02 6.23
C PHE D 26 19.04 -5.87 5.23
N HIS D 27 19.66 -6.03 4.05
CA HIS D 27 19.45 -5.10 2.95
C HIS D 27 19.78 -5.74 1.62
N TRP D 28 19.22 -5.15 0.55
CA TRP D 28 19.53 -5.60 -0.80
C TRP D 28 20.23 -4.48 -1.52
N LYS D 29 21.41 -4.76 -2.11
CA LYS D 29 22.01 -3.71 -2.92
C LYS D 29 22.23 -4.22 -4.35
N ASN D 30 22.65 -3.35 -5.27
CA ASN D 30 22.91 -3.87 -6.59
C ASN D 30 24.40 -3.92 -6.76
N SER D 31 24.83 -4.23 -7.97
CA SER D 31 26.24 -4.33 -8.32
C SER D 31 27.09 -3.09 -7.95
N ASN D 32 26.57 -1.89 -8.16
CA ASN D 32 27.32 -0.72 -7.74
C ASN D 32 27.18 -0.51 -6.23
N GLN D 33 26.75 -1.51 -5.48
CA GLN D 33 26.54 -1.35 -4.05
C GLN D 33 25.55 -0.26 -3.78
N ILE D 34 24.62 0.01 -4.66
CA ILE D 34 23.56 0.99 -4.37
C ILE D 34 22.49 0.26 -3.53
N LYS D 35 22.23 0.63 -2.26
CA LYS D 35 21.20 -0.07 -1.52
C LYS D 35 19.84 0.18 -2.10
N ILE D 36 19.14 -0.92 -2.47
CA ILE D 36 17.81 -0.80 -3.04
C ILE D 36 16.73 -0.77 -1.99
N LEU D 37 16.85 -1.62 -0.98
CA LEU D 37 15.85 -1.60 0.09
C LEU D 37 16.42 -2.37 1.25
N GLY D 38 15.94 -2.13 2.45
CA GLY D 38 16.52 -2.79 3.59
C GLY D 38 15.63 -2.50 4.77
N ASN D 39 15.94 -2.95 5.96
CA ASN D 39 14.96 -2.64 7.00
C ASN D 39 15.44 -1.61 7.99
N GLN D 40 14.64 -0.60 8.25
CA GLN D 40 15.06 0.33 9.27
C GLN D 40 14.24 0.01 10.54
N GLY D 41 14.89 -0.46 11.61
CA GLY D 41 14.07 -0.79 12.75
C GLY D 41 13.13 -1.90 12.33
N SER D 42 11.84 -1.66 12.30
CA SER D 42 10.93 -2.74 11.89
C SER D 42 10.17 -2.21 10.72
N PHE D 43 10.81 -1.22 10.13
CA PHE D 43 10.21 -0.54 9.01
C PHE D 43 10.98 -0.77 7.72
N LEU D 44 10.31 -0.63 6.56
CA LEU D 44 10.95 -0.77 5.26
C LEU D 44 11.46 0.57 4.72
N THR D 45 12.71 0.66 4.33
CA THR D 45 13.12 1.95 3.80
C THR D 45 13.59 1.78 2.39
N LYS D 46 13.22 2.63 1.47
CA LYS D 46 13.73 2.54 0.12
C LYS D 46 14.51 3.82 -0.24
N GLY D 47 15.81 3.73 -0.52
CA GLY D 47 16.56 4.92 -0.85
C GLY D 47 16.31 5.31 -2.30
N PRO D 48 16.89 6.39 -2.84
CA PRO D 48 16.62 6.87 -4.18
C PRO D 48 17.40 6.04 -5.17
N SER D 49 16.76 5.23 -5.98
CA SER D 49 17.54 4.47 -6.92
C SER D 49 16.64 4.35 -8.08
N LYS D 50 17.11 3.77 -9.20
CA LYS D 50 16.30 3.62 -10.41
C LYS D 50 15.06 2.71 -10.22
N LEU D 51 15.06 1.86 -9.19
CA LEU D 51 13.97 0.95 -8.93
C LEU D 51 13.06 1.43 -7.80
N ASN D 52 13.38 2.53 -7.11
CA ASN D 52 12.56 2.96 -5.99
C ASN D 52 11.05 2.75 -6.12
N ASP D 53 10.41 3.22 -7.17
CA ASP D 53 9.00 3.01 -7.13
C ASP D 53 8.50 1.62 -7.60
N ARG D 54 9.41 0.73 -7.97
CA ARG D 54 8.98 -0.56 -8.42
C ARG D 54 9.43 -1.70 -7.53
N ALA D 55 10.17 -1.45 -6.46
CA ALA D 55 10.60 -2.50 -5.60
C ALA D 55 9.79 -2.58 -4.33
N ASP D 56 9.98 -3.64 -3.53
CA ASP D 56 9.20 -3.81 -2.32
C ASP D 56 9.60 -5.13 -1.67
N SER D 57 8.99 -5.57 -0.56
CA SER D 57 9.34 -6.86 0.02
C SER D 57 8.09 -7.36 0.68
N ARG D 58 8.10 -8.45 1.40
CA ARG D 58 6.90 -8.89 2.10
C ARG D 58 7.32 -8.82 3.59
N ARG D 59 6.91 -7.82 4.37
CA ARG D 59 7.31 -7.72 5.76
C ARG D 59 6.87 -8.88 6.66
N SER D 60 5.71 -9.48 6.42
CA SER D 60 5.26 -10.55 7.27
C SER D 60 6.19 -11.71 7.28
N LEU D 61 6.95 -11.92 6.21
CA LEU D 61 7.84 -13.05 6.19
C LEU D 61 9.13 -12.79 6.91
N TRP D 62 9.49 -11.53 7.27
CA TRP D 62 10.77 -11.34 7.96
C TRP D 62 10.89 -12.16 9.25
N ASP D 63 9.81 -12.27 10.05
CA ASP D 63 9.88 -13.10 11.24
C ASP D 63 10.23 -14.55 10.92
N GLN D 64 10.00 -15.03 9.69
CA GLN D 64 10.36 -16.41 9.36
C GLN D 64 11.73 -16.43 8.68
N GLY D 65 12.48 -15.33 8.76
CA GLY D 65 13.79 -15.33 8.08
C GLY D 65 13.80 -15.19 6.55
N ASN D 66 12.80 -14.53 5.97
CA ASN D 66 12.75 -14.36 4.54
C ASN D 66 12.71 -12.88 4.22
N PHE D 67 13.55 -12.48 3.29
CA PHE D 67 13.65 -11.10 2.95
C PHE D 67 13.63 -10.93 1.45
N PRO D 68 12.49 -11.14 0.85
CA PRO D 68 12.44 -11.09 -0.60
C PRO D 68 12.61 -9.65 -1.16
N LEU D 69 13.10 -9.52 -2.37
CA LEU D 69 13.12 -8.25 -2.98
C LEU D 69 12.11 -8.43 -4.07
N ILE D 70 11.05 -7.66 -4.16
CA ILE D 70 10.11 -7.87 -5.25
C ILE D 70 10.26 -6.80 -6.29
N ILE D 71 10.32 -7.05 -7.60
CA ILE D 71 10.45 -5.95 -8.56
C ILE D 71 9.29 -6.04 -9.56
N LYS D 72 8.56 -4.92 -9.82
CA LYS D 72 7.44 -5.01 -10.76
C LYS D 72 7.67 -4.27 -12.08
N ASN D 73 6.81 -4.53 -13.06
CA ASN D 73 6.94 -3.89 -14.34
C ASN D 73 8.38 -4.00 -14.79
N LEU D 74 8.90 -5.20 -15.09
CA LEU D 74 10.31 -5.31 -15.41
C LEU D 74 10.78 -4.67 -16.70
N LYS D 75 12.04 -4.12 -16.64
CA LYS D 75 12.74 -3.46 -17.72
C LYS D 75 13.98 -4.27 -18.03
N ILE D 76 14.42 -4.40 -19.29
CA ILE D 76 15.62 -5.19 -19.53
C ILE D 76 16.72 -4.55 -18.73
N GLU D 77 16.61 -3.28 -18.41
CA GLU D 77 17.74 -2.76 -17.69
C GLU D 77 17.79 -3.01 -16.18
N ASP D 78 16.79 -3.77 -15.68
CA ASP D 78 16.80 -4.14 -14.28
C ASP D 78 17.67 -5.38 -14.23
N SER D 79 18.09 -5.92 -15.37
CA SER D 79 18.92 -7.11 -15.37
C SER D 79 20.18 -6.76 -14.68
N ASP D 80 20.60 -7.49 -13.66
CA ASP D 80 21.78 -7.07 -12.93
C ASP D 80 22.08 -8.05 -11.79
N THR D 81 23.25 -8.02 -11.16
CA THR D 81 23.43 -8.91 -10.03
C THR D 81 23.09 -8.15 -8.76
N TYR D 82 22.30 -8.81 -7.91
CA TYR D 82 21.81 -8.24 -6.66
C TYR D 82 22.36 -9.02 -5.49
N ILE D 83 22.57 -8.37 -4.39
CA ILE D 83 23.09 -9.08 -3.27
C ILE D 83 22.23 -8.83 -2.06
N CYS D 84 21.99 -9.90 -1.32
CA CYS D 84 21.23 -9.80 -0.11
C CYS D 84 22.17 -9.98 1.08
N GLU D 85 22.18 -9.07 2.06
CA GLU D 85 23.02 -9.43 3.17
C GLU D 85 22.18 -9.46 4.45
N VAL D 86 22.10 -10.61 5.10
CA VAL D 86 21.37 -10.63 6.35
C VAL D 86 22.43 -10.81 7.42
N GLU D 87 22.52 -9.82 8.35
CA GLU D 87 23.53 -9.87 9.39
C GLU D 87 24.82 -10.19 8.70
N ASP D 88 25.49 -11.27 9.05
CA ASP D 88 26.67 -11.44 8.29
C ASP D 88 26.60 -12.53 7.22
N GLN D 89 25.50 -12.56 6.44
CA GLN D 89 25.37 -13.54 5.37
C GLN D 89 25.20 -12.78 4.06
N LYS D 90 25.94 -13.12 3.01
CA LYS D 90 25.75 -12.44 1.74
C LYS D 90 25.09 -13.47 0.80
N GLU D 91 24.41 -13.17 -0.18
CA GLU D 91 23.76 -14.17 -1.03
C GLU D 91 23.63 -13.48 -2.37
N GLU D 92 24.37 -13.85 -3.42
CA GLU D 92 24.22 -13.18 -4.70
C GLU D 92 23.16 -13.72 -5.65
N VAL D 93 22.31 -12.87 -6.17
CA VAL D 93 21.33 -13.39 -7.12
C VAL D 93 21.47 -12.66 -8.45
N GLN D 94 21.75 -13.37 -9.53
CA GLN D 94 21.84 -12.60 -10.73
C GLN D 94 20.51 -12.64 -11.50
N LEU D 95 19.96 -11.44 -11.79
CA LEU D 95 18.72 -11.35 -12.53
C LEU D 95 18.99 -11.03 -13.99
N LEU D 96 18.42 -11.83 -14.91
CA LEU D 96 18.55 -11.57 -16.34
C LEU D 96 17.15 -11.29 -16.93
N VAL D 97 16.96 -10.13 -17.57
CA VAL D 97 15.65 -9.82 -18.14
C VAL D 97 15.60 -9.80 -19.68
N PHE D 98 14.65 -10.49 -20.23
CA PHE D 98 14.57 -10.58 -21.65
C PHE D 98 13.24 -10.11 -22.11
N GLY D 99 13.11 -9.90 -23.40
CA GLY D 99 11.84 -9.51 -23.96
C GLY D 99 11.69 -10.11 -25.33
N LEU D 100 10.41 -11.16 -25.53
CA LEU D 100 10.19 -11.61 -26.86
C LEU D 100 9.09 -10.79 -27.54
N THR D 101 9.44 -9.96 -28.54
CA THR D 101 8.43 -9.13 -29.19
C THR D 101 8.13 -9.60 -30.61
N ALA D 102 6.93 -9.30 -31.12
CA ALA D 102 6.59 -9.65 -32.50
C ALA D 102 6.57 -8.38 -33.35
N ASN D 103 7.71 -8.13 -34.05
CA ASN D 103 7.89 -6.96 -34.92
C ASN D 103 6.93 -6.95 -36.10
N SER D 104 5.96 -7.90 -36.12
CA SER D 104 4.99 -8.01 -37.21
C SER D 104 3.67 -7.33 -36.88
N ASP D 105 3.75 -6.28 -36.04
CA ASP D 105 2.57 -5.50 -35.65
C ASP D 105 1.26 -6.28 -35.57
N THR D 106 0.31 -6.06 -36.50
CA THR D 106 -0.89 -6.82 -36.38
C THR D 106 -1.51 -7.08 -37.74
N HIS D 107 -2.65 -7.77 -37.78
CA HIS D 107 -3.22 -8.11 -39.06
C HIS D 107 -2.16 -8.87 -39.87
N LEU D 108 -2.13 -10.21 -39.74
CA LEU D 108 -1.21 -10.99 -40.56
C LEU D 108 -1.99 -11.77 -41.58
N LEU D 109 -1.58 -11.68 -42.84
CA LEU D 109 -2.26 -12.35 -43.94
C LEU D 109 -1.60 -13.63 -44.43
N GLN D 110 -2.41 -14.55 -44.90
CA GLN D 110 -1.82 -15.77 -45.33
C GLN D 110 -0.61 -15.55 -46.28
N GLY D 111 0.43 -16.35 -46.14
CA GLY D 111 1.58 -16.18 -47.01
C GLY D 111 2.52 -15.12 -46.51
N GLN D 112 2.17 -14.42 -45.44
CA GLN D 112 3.08 -13.36 -44.95
C GLN D 112 4.22 -13.90 -44.08
N SER D 113 5.33 -13.18 -43.95
CA SER D 113 6.39 -13.70 -43.15
C SER D 113 6.28 -13.29 -41.70
N LEU D 114 6.54 -14.17 -40.73
CA LEU D 114 6.50 -13.60 -39.39
C LEU D 114 7.87 -13.38 -38.81
N THR D 115 8.18 -12.22 -38.22
CA THR D 115 9.49 -12.04 -37.63
C THR D 115 9.41 -11.68 -36.12
N LEU D 116 10.11 -12.45 -35.28
CA LEU D 116 10.12 -12.21 -33.85
C LEU D 116 11.54 -11.84 -33.46
N THR D 117 11.75 -11.11 -32.36
CA THR D 117 13.11 -10.80 -31.99
C THR D 117 13.23 -10.94 -30.49
N LEU D 118 14.29 -11.56 -29.98
CA LEU D 118 14.47 -11.69 -28.54
C LEU D 118 15.32 -10.57 -27.92
N GLU D 119 14.80 -9.88 -26.90
CA GLU D 119 15.55 -8.83 -26.27
C GLU D 119 16.36 -9.43 -25.15
N SER D 120 17.63 -9.15 -25.00
CA SER D 120 18.38 -9.79 -23.93
C SER D 120 19.45 -8.90 -23.29
N PRO D 121 19.87 -9.23 -22.06
CA PRO D 121 20.91 -8.52 -21.37
C PRO D 121 22.22 -8.54 -22.15
N PRO D 122 22.66 -7.39 -22.55
CA PRO D 122 23.97 -7.20 -23.12
C PRO D 122 25.01 -8.11 -22.50
N GLY D 123 24.86 -8.45 -21.21
CA GLY D 123 25.85 -9.35 -20.63
C GLY D 123 25.33 -10.80 -20.58
N SER D 124 25.37 -11.53 -21.74
CA SER D 124 24.93 -12.94 -21.86
C SER D 124 23.76 -13.22 -22.85
N SER D 125 23.97 -14.17 -23.77
CA SER D 125 22.94 -14.46 -24.76
C SER D 125 22.65 -15.97 -25.02
N PRO D 126 21.39 -16.28 -25.38
CA PRO D 126 20.85 -17.64 -25.38
C PRO D 126 20.39 -18.19 -26.72
N SER D 127 19.67 -19.30 -26.67
CA SER D 127 19.15 -19.87 -27.89
C SER D 127 17.63 -19.95 -27.78
N VAL D 128 16.91 -19.38 -28.74
CA VAL D 128 15.47 -19.36 -28.70
C VAL D 128 14.84 -20.43 -29.57
N GLN D 129 13.71 -21.01 -29.21
CA GLN D 129 13.19 -21.99 -30.13
C GLN D 129 11.67 -22.07 -30.06
N CYS D 130 10.99 -21.47 -31.05
CA CYS D 130 9.53 -21.43 -31.05
C CYS D 130 8.80 -22.64 -31.69
N ARG D 131 7.48 -22.69 -31.49
CA ARG D 131 6.66 -23.77 -32.00
C ARG D 131 5.32 -23.29 -32.52
N SER D 132 5.02 -23.58 -33.79
CA SER D 132 3.74 -23.16 -34.37
C SER D 132 2.57 -23.98 -33.81
N PRO D 133 1.34 -23.46 -33.96
CA PRO D 133 0.16 -24.11 -33.41
C PRO D 133 -0.04 -25.48 -34.02
N ARG D 134 0.67 -25.79 -35.11
CA ARG D 134 0.48 -27.10 -35.66
C ARG D 134 1.74 -27.75 -36.21
N GLY D 135 2.82 -27.78 -35.41
CA GLY D 135 4.02 -28.46 -35.88
C GLY D 135 5.39 -27.77 -35.82
N LYS D 136 5.90 -27.45 -37.03
CA LYS D 136 7.20 -26.86 -37.23
C LYS D 136 7.75 -26.05 -36.06
N ASN D 137 8.99 -26.36 -35.71
CA ASN D 137 9.64 -25.67 -34.61
C ASN D 137 10.76 -24.86 -35.16
N ILE D 138 10.54 -23.57 -35.40
CA ILE D 138 11.63 -22.74 -35.90
C ILE D 138 12.55 -22.33 -34.76
N GLN D 139 13.87 -22.36 -34.93
CA GLN D 139 14.73 -21.95 -33.81
C GLN D 139 15.90 -21.09 -34.23
N GLY D 140 16.26 -20.07 -33.47
CA GLY D 140 17.36 -19.29 -33.94
C GLY D 140 18.08 -18.56 -32.84
N GLY D 141 18.52 -17.38 -33.12
CA GLY D 141 19.19 -16.66 -32.09
C GLY D 141 18.37 -15.44 -31.70
N LYS D 142 18.93 -14.24 -31.85
CA LYS D 142 18.20 -13.07 -31.49
C LYS D 142 17.07 -12.70 -32.45
N THR D 143 17.03 -13.24 -33.69
CA THR D 143 15.93 -12.97 -34.65
C THR D 143 15.35 -14.27 -35.26
N LEU D 144 14.05 -14.44 -35.25
CA LEU D 144 13.47 -15.61 -35.85
C LEU D 144 12.56 -15.21 -37.00
N SER D 145 12.39 -16.09 -37.98
CA SER D 145 11.51 -15.71 -39.05
C SER D 145 10.84 -16.87 -39.71
N VAL D 146 9.58 -16.68 -39.98
CA VAL D 146 8.79 -17.67 -40.65
C VAL D 146 8.37 -17.09 -42.01
N SER D 147 9.23 -17.27 -43.00
CA SER D 147 9.05 -16.81 -44.38
C SER D 147 7.62 -16.69 -44.84
N GLN D 148 6.82 -17.74 -44.71
CA GLN D 148 5.47 -17.56 -45.19
C GLN D 148 4.49 -18.33 -44.33
N LEU D 149 3.41 -17.70 -43.87
CA LEU D 149 2.51 -18.41 -42.99
C LEU D 149 1.38 -19.08 -43.73
N GLU D 150 0.70 -19.98 -43.07
CA GLU D 150 -0.40 -20.68 -43.72
C GLU D 150 -1.58 -20.63 -42.76
N LEU D 151 -2.82 -20.50 -43.24
CA LEU D 151 -3.93 -20.42 -42.33
C LEU D 151 -3.75 -21.33 -41.12
N GLN D 152 -3.01 -22.43 -41.26
CA GLN D 152 -2.82 -23.33 -40.13
C GLN D 152 -2.03 -22.77 -38.94
N ASP D 153 -1.27 -21.70 -39.09
CA ASP D 153 -0.55 -21.26 -37.93
C ASP D 153 -1.33 -20.26 -37.15
N SER D 154 -2.54 -19.97 -37.60
CA SER D 154 -3.31 -19.06 -36.80
C SER D 154 -3.37 -19.77 -35.47
N GLY D 155 -3.09 -19.10 -34.36
CA GLY D 155 -3.17 -19.82 -33.12
C GLY D 155 -2.39 -19.15 -32.01
N THR D 156 -1.72 -19.97 -31.21
CA THR D 156 -0.94 -19.44 -30.12
C THR D 156 0.32 -20.26 -30.07
N TRP D 157 1.47 -19.63 -30.37
CA TRP D 157 2.78 -20.29 -30.38
C TRP D 157 3.48 -20.21 -29.03
N THR D 158 4.59 -20.94 -28.90
CA THR D 158 5.35 -20.93 -27.69
C THR D 158 6.83 -20.89 -27.97
N CYS D 159 7.45 -19.81 -27.54
CA CYS D 159 8.85 -19.74 -27.73
C CYS D 159 9.53 -20.10 -26.44
N THR D 160 10.76 -20.56 -26.60
CA THR D 160 11.53 -21.02 -25.49
C THR D 160 12.86 -20.32 -25.44
N VAL D 161 13.19 -19.65 -24.34
CA VAL D 161 14.51 -19.08 -24.25
C VAL D 161 15.25 -19.95 -23.24
N LEU D 162 16.47 -20.37 -23.53
CA LEU D 162 17.19 -21.24 -22.61
C LEU D 162 18.59 -20.72 -22.31
N GLN D 163 18.84 -20.38 -21.05
CA GLN D 163 20.12 -19.87 -20.57
C GLN D 163 20.50 -20.67 -19.35
N ASN D 164 21.72 -21.23 -19.34
CA ASN D 164 22.11 -22.08 -18.22
C ASN D 164 21.13 -23.24 -18.21
N GLN D 165 21.04 -24.10 -17.24
CA GLN D 165 20.03 -25.11 -17.53
C GLN D 165 18.62 -24.56 -17.37
N LYS D 166 18.52 -23.22 -17.22
CA LYS D 166 17.25 -22.55 -17.04
C LYS D 166 16.48 -22.26 -18.32
N LYS D 167 15.22 -21.85 -18.16
CA LYS D 167 14.39 -21.51 -19.30
C LYS D 167 13.09 -20.79 -18.97
N VAL D 168 12.73 -19.85 -19.84
CA VAL D 168 11.53 -19.06 -19.72
C VAL D 168 10.61 -19.37 -20.91
N GLU D 169 9.34 -19.03 -20.89
CA GLU D 169 8.54 -19.44 -22.01
C GLU D 169 7.56 -18.36 -22.43
N PHE D 170 7.54 -17.96 -23.70
CA PHE D 170 6.59 -16.91 -24.07
C PHE D 170 5.53 -17.48 -24.96
N LYS D 171 4.29 -17.07 -24.86
CA LYS D 171 3.33 -17.68 -25.76
C LYS D 171 2.54 -16.62 -26.46
N ILE D 172 2.80 -16.43 -27.73
CA ILE D 172 2.06 -15.38 -28.39
C ILE D 172 0.98 -15.89 -29.33
N ASP D 173 -0.13 -15.21 -29.43
CA ASP D 173 -1.12 -15.74 -30.34
C ASP D 173 -1.03 -14.93 -31.62
N ILE D 174 -0.85 -15.65 -32.74
CA ILE D 174 -0.70 -15.06 -34.07
C ILE D 174 -1.97 -15.21 -34.92
N VAL D 175 -2.45 -14.18 -35.66
CA VAL D 175 -3.68 -14.47 -36.43
C VAL D 175 -3.52 -14.43 -37.92
N VAL D 176 -3.51 -15.56 -38.63
CA VAL D 176 -3.35 -15.44 -40.07
C VAL D 176 -4.71 -15.40 -40.75
N LEU D 177 -4.92 -14.40 -41.61
CA LEU D 177 -6.23 -14.34 -42.24
C LEU D 177 -6.18 -14.53 -43.74
N ALA D 178 -7.23 -15.16 -44.29
CA ALA D 178 -7.30 -15.33 -45.73
C ALA D 178 -7.65 -13.97 -46.35
#